data_3OF5
#
_entry.id   3OF5
#
_cell.length_a   39.278
_cell.length_b   93.177
_cell.length_c   62.732
_cell.angle_alpha   90.00
_cell.angle_beta   95.78
_cell.angle_gamma   90.00
#
_symmetry.space_group_name_H-M   'P 1 21 1'
#
loop_
_entity.id
_entity.type
_entity.pdbx_description
1 polymer 'Dethiobiotin synthetase'
2 non-polymer 'ACETATE ION'
3 non-polymer 'SODIUM ION'
4 water water
#
_entity_poly.entity_id   1
_entity_poly.type   'polypeptide(L)'
_entity_poly.pdbx_seq_one_letter_code
;SNA(MSE)KKFFIIGTDTEVGKTYISTKLIEVCEHQNIKSLCLKPVASGQSQFSELCEDVESILNAYKHKFTAAEINLIS
FNQAVAPHIIAAKTKVDISIENLKQFIEDKYNQDLDILFIEGAGGLLTPYSDHTTQLDLIKALQIPVLLVSAIKVGCINH
TLLTINELNRHNIKLAGWIANCNDSNIKYIDEQINTIEELSGYKCSAKISRNADYLDFIDLSKILISPEENE
;
_entity_poly.pdbx_strand_id   A,B
#
loop_
_chem_comp.id
_chem_comp.type
_chem_comp.name
_chem_comp.formula
ACT non-polymer 'ACETATE ION' 'C2 H3 O2 -1'
NA non-polymer 'SODIUM ION' 'Na 1'
#
# COMPACT_ATOMS: atom_id res chain seq x y z
N SER A 1 24.71 25.30 -4.25
CA SER A 1 24.60 25.20 -5.71
C SER A 1 23.19 25.46 -6.21
N ASN A 2 23.08 26.38 -7.18
CA ASN A 2 21.81 26.71 -7.81
C ASN A 2 21.39 25.63 -8.79
N ALA A 3 22.36 24.89 -9.34
CA ALA A 3 22.07 23.84 -10.33
C ALA A 3 21.71 22.48 -9.71
N MSE A 4 21.77 22.37 -8.37
CA MSE A 4 21.54 21.10 -7.68
C MSE A 4 20.19 20.48 -7.97
O MSE A 4 19.16 21.15 -7.80
CB MSE A 4 21.72 21.33 -6.19
CG MSE A 4 21.77 20.05 -5.36
SE MSE A 4 21.74 20.45 -3.46
CE MSE A 4 23.18 21.79 -3.38
N LYS A 5 20.18 19.22 -8.42
CA LYS A 5 18.95 18.46 -8.64
C LYS A 5 18.63 17.75 -7.32
N LYS A 6 17.34 17.65 -6.97
CA LYS A 6 16.91 17.01 -5.73
C LYS A 6 15.90 15.93 -6.02
N PHE A 7 15.96 14.82 -5.26
CA PHE A 7 15.03 13.71 -5.45
C PHE A 7 14.65 13.19 -4.09
N PHE A 8 13.33 13.11 -3.82
CA PHE A 8 12.85 12.55 -2.57
C PHE A 8 12.45 11.11 -2.89
N ILE A 9 13.12 10.14 -2.24
CA ILE A 9 12.87 8.72 -2.50
C ILE A 9 11.86 8.14 -1.55
N ILE A 10 10.79 7.55 -2.10
CA ILE A 10 9.77 6.92 -1.30
C ILE A 10 9.53 5.51 -1.81
N GLY A 11 8.89 4.70 -0.97
CA GLY A 11 8.56 3.34 -1.33
C GLY A 11 7.06 3.13 -1.46
N THR A 12 6.68 2.01 -2.08
CA THR A 12 5.26 1.61 -2.20
C THR A 12 4.79 0.91 -0.94
N ASP A 13 5.72 0.53 -0.07
CA ASP A 13 5.49 -0.10 1.24
C ASP A 13 6.72 0.13 2.13
N THR A 14 6.71 -0.23 3.44
N THR A 14 5.72 -0.89 3.08
CA THR A 14 7.86 0.04 4.34
CA THR A 14 6.99 -0.95 3.79
C THR A 14 9.21 -0.64 4.08
C THR A 14 7.91 -2.07 3.30
N GLU A 15 9.20 -1.88 3.55
CA GLU A 15 10.35 -2.76 3.25
C GLU A 15 10.44 -3.17 1.77
N VAL A 16 10.75 -2.19 0.90
CA VAL A 16 10.85 -2.41 -0.56
C VAL A 16 12.29 -2.30 -1.09
N GLY A 17 13.27 -2.25 -0.20
CA GLY A 17 14.66 -2.12 -0.62
C GLY A 17 15.05 -0.72 -1.03
N LYS A 18 14.37 0.29 -0.48
CA LYS A 18 14.65 1.70 -0.79
C LYS A 18 16.13 2.04 -0.59
N THR A 19 16.73 1.61 0.54
CA THR A 19 18.12 1.92 0.86
C THR A 19 19.08 1.27 -0.11
N TYR A 20 18.79 0.04 -0.56
N TYR A 20 18.76 0.04 -0.56
CA TYR A 20 19.64 -0.62 -1.53
CA TYR A 20 19.54 -0.71 -1.54
C TYR A 20 19.64 0.19 -2.82
C TYR A 20 19.60 0.09 -2.84
N ILE A 21 18.47 0.72 -3.22
CA ILE A 21 18.39 1.53 -4.43
C ILE A 21 19.19 2.84 -4.23
N SER A 22 19.07 3.48 -3.03
CA SER A 22 19.83 4.69 -2.73
C SER A 22 21.32 4.42 -2.84
N THR A 23 21.81 3.27 -2.32
CA THR A 23 23.24 2.94 -2.43
C THR A 23 23.67 2.77 -3.88
N LYS A 24 22.78 2.25 -4.75
CA LYS A 24 23.11 2.11 -6.17
C LYS A 24 23.17 3.48 -6.84
N LEU A 25 22.26 4.38 -6.44
CA LEU A 25 22.25 5.74 -6.98
C LEU A 25 23.53 6.49 -6.54
N ILE A 26 23.94 6.30 -5.27
CA ILE A 26 25.17 6.90 -4.75
C ILE A 26 26.36 6.35 -5.56
N GLU A 27 26.39 5.03 -5.79
CA GLU A 27 27.49 4.39 -6.53
C GLU A 27 27.64 4.98 -7.95
N VAL A 28 26.50 5.22 -8.65
CA VAL A 28 26.55 5.80 -10.01
C VAL A 28 27.16 7.20 -9.94
N CYS A 29 26.76 8.02 -8.93
CA CYS A 29 27.31 9.36 -8.78
C CYS A 29 28.80 9.32 -8.47
N GLU A 30 29.19 8.51 -7.47
CA GLU A 30 30.62 8.42 -7.05
C GLU A 30 31.52 8.03 -8.23
N HIS A 31 31.06 7.04 -9.03
CA HIS A 31 31.82 6.57 -10.19
C HIS A 31 31.94 7.59 -11.33
N GLN A 32 30.92 8.45 -11.50
N GLN A 32 30.92 8.45 -11.50
CA GLN A 32 30.89 9.48 -12.54
CA GLN A 32 30.88 9.48 -12.53
C GLN A 32 31.48 10.81 -12.04
C GLN A 32 31.48 10.81 -12.04
N ASN A 33 32.01 10.82 -10.80
CA ASN A 33 32.59 12.01 -10.14
C ASN A 33 31.54 13.14 -10.06
N ILE A 34 30.29 12.76 -9.81
CA ILE A 34 29.17 13.68 -9.64
C ILE A 34 29.12 13.92 -8.12
N LYS A 35 29.15 15.18 -7.69
CA LYS A 35 29.08 15.53 -6.27
C LYS A 35 27.66 15.30 -5.79
N SER A 36 27.46 14.32 -4.88
CA SER A 36 26.13 14.05 -4.36
C SER A 36 26.16 13.86 -2.87
N LEU A 37 24.97 13.93 -2.28
CA LEU A 37 24.75 13.67 -0.86
C LEU A 37 23.43 12.97 -0.79
N CYS A 38 23.29 12.05 0.15
CA CYS A 38 22.04 11.32 0.37
C CYS A 38 21.66 11.48 1.83
N LEU A 39 20.49 12.02 2.09
CA LEU A 39 20.00 12.19 3.45
C LEU A 39 19.07 11.06 3.83
N LYS A 40 18.94 10.81 5.13
CA LYS A 40 17.92 9.91 5.68
C LYS A 40 17.42 10.72 6.88
N PRO A 41 16.58 11.77 6.66
CA PRO A 41 16.27 12.67 7.77
C PRO A 41 15.62 12.02 8.97
N VAL A 42 14.76 11.00 8.72
CA VAL A 42 14.06 10.23 9.75
C VAL A 42 14.44 8.78 9.48
N ALA A 43 15.00 8.10 10.48
CA ALA A 43 15.39 6.71 10.30
C ALA A 43 14.88 5.87 11.43
N SER A 44 14.63 4.58 11.15
N SER A 44 14.59 4.57 11.15
CA SER A 44 14.22 3.61 12.13
CA SER A 44 14.07 3.59 12.11
C SER A 44 14.96 2.30 11.88
C SER A 44 14.71 2.22 11.87
N GLY A 45 15.12 1.55 12.94
CA GLY A 45 15.74 0.23 12.87
C GLY A 45 17.23 0.33 13.05
N GLN A 46 17.68 -0.02 14.24
CA GLN A 46 19.08 0.03 14.63
C GLN A 46 19.92 -0.93 13.77
N SER A 47 21.17 -0.52 13.49
N SER A 47 21.15 -0.52 13.43
CA SER A 47 22.16 -1.33 12.77
CA SER A 47 22.05 -1.39 12.66
C SER A 47 22.51 -2.56 13.58
C SER A 47 22.47 -2.57 13.53
N GLN A 48 23.01 -3.61 12.90
CA GLN A 48 23.48 -4.82 13.57
C GLN A 48 24.78 -4.59 14.30
N PHE A 49 25.56 -3.56 13.87
CA PHE A 49 26.90 -3.31 14.38
C PHE A 49 27.17 -2.00 15.13
N SER A 50 26.15 -1.15 15.30
CA SER A 50 26.34 0.12 15.97
C SER A 50 25.06 0.68 16.55
N GLU A 51 25.17 1.82 17.24
CA GLU A 51 24.04 2.54 17.84
C GLU A 51 23.22 3.28 16.78
N LEU A 52 23.80 3.49 15.57
N LEU A 52 23.79 3.46 15.57
CA LEU A 52 23.15 4.19 14.48
CA LEU A 52 23.18 4.17 14.45
C LEU A 52 22.10 3.30 13.80
C LEU A 52 22.16 3.30 13.75
N CYS A 53 21.21 3.92 13.03
CA CYS A 53 20.21 3.17 12.28
C CYS A 53 20.89 2.52 11.10
N GLU A 54 20.41 1.33 10.69
N GLU A 54 20.38 1.35 10.68
CA GLU A 54 20.97 0.58 9.56
CA GLU A 54 20.91 0.57 9.54
C GLU A 54 21.07 1.39 8.26
C GLU A 54 21.07 1.43 8.28
N ASP A 55 20.03 2.18 7.93
CA ASP A 55 20.04 2.96 6.69
C ASP A 55 21.06 4.09 6.74
N VAL A 56 21.26 4.68 7.92
CA VAL A 56 22.26 5.74 8.11
C VAL A 56 23.64 5.14 7.87
N GLU A 57 23.93 3.98 8.49
CA GLU A 57 25.19 3.26 8.27
C GLU A 57 25.37 2.91 6.80
N SER A 58 24.32 2.44 6.10
CA SER A 58 24.49 2.09 4.69
C SER A 58 24.87 3.30 3.85
N ILE A 59 24.23 4.46 4.11
CA ILE A 59 24.56 5.69 3.36
C ILE A 59 25.97 6.14 3.69
N LEU A 60 26.35 6.13 4.98
CA LEU A 60 27.71 6.57 5.32
C LEU A 60 28.76 5.68 4.66
N ASN A 61 28.54 4.37 4.63
N ASN A 61 28.54 4.36 4.62
CA ASN A 61 29.46 3.40 4.01
CA ASN A 61 29.47 3.40 3.99
C ASN A 61 29.55 3.61 2.49
C ASN A 61 29.55 3.66 2.48
N ALA A 62 28.41 3.93 1.83
CA ALA A 62 28.37 4.19 0.38
C ALA A 62 29.25 5.41 0.00
N TYR A 63 29.34 6.40 0.90
CA TYR A 63 30.16 7.59 0.70
C TYR A 63 31.52 7.46 1.37
N LYS A 64 31.86 6.26 1.89
CA LYS A 64 33.15 6.04 2.54
C LYS A 64 33.41 7.06 3.64
N HIS A 65 32.36 7.41 4.41
N HIS A 65 32.37 7.41 4.42
CA HIS A 65 32.40 8.34 5.55
CA HIS A 65 32.46 8.36 5.54
C HIS A 65 32.93 9.75 5.21
C HIS A 65 33.07 9.71 5.14
N LYS A 66 32.66 10.23 3.97
CA LYS A 66 33.04 11.57 3.53
C LYS A 66 32.11 12.54 4.28
N PHE A 67 30.95 12.03 4.74
CA PHE A 67 29.96 12.79 5.50
C PHE A 67 29.77 12.19 6.87
N THR A 68 29.27 13.00 7.81
CA THR A 68 29.00 12.51 9.17
C THR A 68 27.55 12.00 9.30
N ALA A 69 27.28 11.25 10.39
CA ALA A 69 25.92 10.82 10.64
C ALA A 69 25.02 12.04 10.86
N ALA A 70 25.50 13.10 11.55
CA ALA A 70 24.72 14.31 11.79
C ALA A 70 24.39 15.07 10.50
N GLU A 71 25.23 14.91 9.48
N GLU A 71 25.25 14.92 9.47
CA GLU A 71 24.97 15.56 8.19
CA GLU A 71 25.02 15.56 8.17
C GLU A 71 23.86 14.85 7.43
C GLU A 71 23.81 14.93 7.49
N ILE A 72 23.70 13.54 7.67
N ILE A 72 23.69 13.60 7.55
CA ILE A 72 22.73 12.81 6.89
CA ILE A 72 22.62 12.93 6.82
C ILE A 72 21.40 12.53 7.56
C ILE A 72 21.32 12.65 7.57
N ASN A 73 21.37 12.53 8.91
CA ASN A 73 20.19 12.19 9.68
C ASN A 73 19.87 13.20 10.78
N LEU A 74 18.57 13.50 10.95
CA LEU A 74 18.15 14.41 12.00
C LEU A 74 17.51 13.66 13.18
N ILE A 75 16.65 12.66 12.89
CA ILE A 75 15.91 11.92 13.91
C ILE A 75 16.09 10.41 13.69
N SER A 76 16.47 9.67 14.74
N SER A 76 16.47 9.66 14.74
CA SER A 76 16.65 8.21 14.62
CA SER A 76 16.72 8.24 14.65
C SER A 76 15.91 7.50 15.74
C SER A 76 16.02 7.45 15.77
N PHE A 77 15.34 6.33 15.41
CA PHE A 77 14.63 5.48 16.37
C PHE A 77 15.17 4.07 16.26
N ASN A 78 15.30 3.37 17.39
CA ASN A 78 15.82 2.01 17.34
C ASN A 78 14.81 1.00 16.77
N GLN A 79 13.53 1.13 17.15
CA GLN A 79 12.49 0.19 16.75
C GLN A 79 12.04 0.36 15.32
N ALA A 80 11.86 -0.75 14.60
CA ALA A 80 11.43 -0.72 13.20
C ALA A 80 9.90 -0.74 13.13
N VAL A 81 9.29 0.33 13.65
CA VAL A 81 7.83 0.52 13.65
C VAL A 81 7.55 1.92 13.10
N ALA A 82 6.26 2.30 12.96
CA ALA A 82 5.89 3.63 12.44
C ALA A 82 6.66 4.68 13.24
N PRO A 83 7.50 5.54 12.61
CA PRO A 83 8.32 6.47 13.40
C PRO A 83 7.52 7.43 14.28
N HIS A 84 6.33 7.84 13.85
CA HIS A 84 5.57 8.75 14.69
C HIS A 84 5.12 8.12 15.98
N ILE A 85 4.94 6.78 15.99
CA ILE A 85 4.50 6.10 17.20
C ILE A 85 5.61 6.16 18.24
N ILE A 86 6.86 5.82 17.84
N ILE A 86 6.83 5.78 17.84
CA ILE A 86 8.00 5.90 18.78
CA ILE A 86 7.97 5.81 18.76
C ILE A 86 8.24 7.31 19.21
C ILE A 86 8.37 7.25 19.13
N ALA A 87 8.10 8.25 18.26
CA ALA A 87 8.31 9.68 18.53
C ALA A 87 7.36 10.10 19.68
N ALA A 88 6.06 9.74 19.58
CA ALA A 88 5.09 10.05 20.63
C ALA A 88 5.41 9.38 21.96
N LYS A 89 5.95 8.14 21.95
CA LYS A 89 6.32 7.41 23.17
C LYS A 89 7.59 7.96 23.81
N THR A 90 8.50 8.54 23.01
CA THR A 90 9.79 9.03 23.50
C THR A 90 9.90 10.55 23.58
N LYS A 91 8.76 11.27 23.46
CA LYS A 91 8.70 12.74 23.53
C LYS A 91 9.56 13.45 22.50
N VAL A 92 9.59 12.90 21.28
CA VAL A 92 10.30 13.44 20.14
C VAL A 92 9.22 13.96 19.17
N ASP A 93 9.37 15.21 18.74
N ASP A 93 9.34 15.23 18.73
CA ASP A 93 8.48 15.82 17.76
CA ASP A 93 8.39 15.80 17.78
C ASP A 93 9.14 15.65 16.40
C ASP A 93 9.00 15.82 16.39
N ILE A 94 8.44 15.02 15.45
CA ILE A 94 8.96 14.92 14.08
C ILE A 94 8.26 16.09 13.39
N SER A 95 8.95 17.23 13.27
CA SER A 95 8.35 18.46 12.73
C SER A 95 8.65 18.67 11.27
N ILE A 96 7.63 19.01 10.48
CA ILE A 96 7.81 19.28 9.06
C ILE A 96 8.78 20.45 8.89
N GLU A 97 8.61 21.54 9.68
CA GLU A 97 9.49 22.69 9.58
C GLU A 97 10.94 22.35 9.88
N ASN A 98 11.19 21.53 10.91
CA ASN A 98 12.56 21.16 11.25
C ASN A 98 13.18 20.28 10.17
N LEU A 99 12.39 19.36 9.59
CA LEU A 99 12.93 18.51 8.52
C LEU A 99 13.19 19.33 7.27
N LYS A 100 12.25 20.26 6.95
CA LYS A 100 12.39 21.11 5.77
C LYS A 100 13.66 21.96 5.88
N GLN A 101 13.92 22.53 7.06
CA GLN A 101 15.12 23.33 7.30
C GLN A 101 16.38 22.47 7.19
N PHE A 102 16.35 21.26 7.75
CA PHE A 102 17.50 20.36 7.69
C PHE A 102 17.88 20.04 6.22
N ILE A 103 16.87 19.79 5.38
CA ILE A 103 17.09 19.44 3.98
C ILE A 103 17.52 20.69 3.20
N GLU A 104 16.74 21.80 3.30
CA GLU A 104 17.03 23.02 2.54
C GLU A 104 18.36 23.65 2.91
N ASP A 105 18.84 23.41 4.15
CA ASP A 105 20.15 23.93 4.55
C ASP A 105 21.28 23.33 3.72
N LYS A 106 21.05 22.19 3.04
CA LYS A 106 22.10 21.58 2.22
C LYS A 106 22.25 22.31 0.90
N TYR A 107 21.26 23.13 0.52
CA TYR A 107 21.26 23.72 -0.82
C TYR A 107 22.40 24.68 -1.11
N ASN A 108 23.09 25.18 -0.08
CA ASN A 108 24.22 26.07 -0.36
C ASN A 108 25.55 25.30 -0.49
N GLN A 109 25.51 23.96 -0.45
CA GLN A 109 26.70 23.14 -0.59
C GLN A 109 27.03 22.92 -2.07
N ASP A 110 28.29 22.55 -2.35
CA ASP A 110 28.74 22.29 -3.71
C ASP A 110 28.35 20.86 -4.06
N LEU A 111 27.08 20.69 -4.43
CA LEU A 111 26.53 19.38 -4.77
C LEU A 111 25.76 19.50 -6.07
N ASP A 112 25.91 18.48 -6.92
CA ASP A 112 25.19 18.41 -8.19
C ASP A 112 23.84 17.71 -7.97
N ILE A 113 23.76 16.73 -7.04
CA ILE A 113 22.58 15.95 -6.77
C ILE A 113 22.40 15.73 -5.27
N LEU A 114 21.17 15.95 -4.79
CA LEU A 114 20.79 15.69 -3.42
C LEU A 114 19.67 14.68 -3.41
N PHE A 115 19.92 13.53 -2.78
CA PHE A 115 18.90 12.51 -2.59
C PHE A 115 18.39 12.63 -1.18
N ILE A 116 17.08 12.45 -0.99
CA ILE A 116 16.52 12.44 0.36
C ILE A 116 15.73 11.15 0.49
N GLU A 117 16.22 10.18 1.28
CA GLU A 117 15.51 8.92 1.46
C GLU A 117 14.49 9.10 2.57
N GLY A 118 13.23 8.85 2.22
CA GLY A 118 12.13 8.96 3.16
C GLY A 118 12.03 7.82 4.15
N ALA A 119 10.98 7.83 5.01
N ALA A 119 11.00 7.94 4.99
CA ALA A 119 10.80 6.86 6.12
CA ALA A 119 10.57 7.01 6.00
C ALA A 119 9.66 5.80 6.01
C ALA A 119 9.28 6.43 5.44
N GLY A 120 9.44 5.30 4.81
CA GLY A 120 8.38 4.38 4.38
C GLY A 120 7.67 4.89 3.15
N GLY A 121 6.35 4.82 3.18
CA GLY A 121 5.49 5.18 2.07
C GLY A 121 5.13 6.64 2.02
N LEU A 122 4.36 7.02 1.03
CA LEU A 122 4.00 8.44 0.82
C LEU A 122 3.22 9.02 1.97
N LEU A 123 2.26 8.24 2.50
CA LEU A 123 1.41 8.69 3.59
C LEU A 123 1.80 8.11 4.93
N THR A 124 3.05 7.66 5.09
N THR A 124 3.09 7.72 5.09
CA THR A 124 3.47 7.23 6.41
CA THR A 124 3.63 7.32 6.38
C THR A 124 3.50 8.50 7.28
C THR A 124 3.48 8.55 7.28
N PRO A 125 2.86 8.45 8.46
CA PRO A 125 2.76 9.64 9.31
C PRO A 125 4.07 10.12 9.89
N TYR A 126 4.17 11.45 10.08
CA TYR A 126 5.26 11.99 10.88
C TYR A 126 4.68 12.41 12.25
N SER A 127 3.33 12.46 12.36
CA SER A 127 2.62 12.81 13.59
C SER A 127 1.17 12.39 13.42
N ASP A 128 0.32 12.73 14.40
CA ASP A 128 -1.10 12.45 14.31
C ASP A 128 -1.81 13.40 13.32
N HIS A 129 -1.08 14.37 12.70
CA HIS A 129 -1.70 15.31 11.77
C HIS A 129 -0.91 15.56 10.50
N THR A 130 0.23 14.90 10.33
CA THR A 130 1.08 15.12 9.16
C THR A 130 1.60 13.81 8.65
N THR A 131 1.99 13.78 7.38
CA THR A 131 2.54 12.62 6.73
C THR A 131 3.77 13.06 5.94
N GLN A 132 4.52 12.06 5.41
N GLN A 132 4.46 12.09 5.36
CA GLN A 132 5.69 12.34 4.57
CA GLN A 132 5.62 12.39 4.53
C GLN A 132 5.32 13.26 3.43
C GLN A 132 5.23 13.30 3.36
N LEU A 133 4.11 13.08 2.86
N LEU A 133 4.00 13.13 2.83
CA LEU A 133 3.65 13.91 1.76
CA LEU A 133 3.52 13.95 1.73
C LEU A 133 3.68 15.41 2.11
C LEU A 133 3.56 15.44 2.09
N ASP A 134 3.32 15.79 3.35
CA ASP A 134 3.36 17.18 3.76
C ASP A 134 4.76 17.77 3.63
N LEU A 135 5.80 16.96 3.94
CA LEU A 135 7.17 17.43 3.79
C LEU A 135 7.51 17.54 2.29
N ILE A 136 7.16 16.50 1.52
CA ILE A 136 7.44 16.52 0.08
C ILE A 136 6.80 17.74 -0.57
N LYS A 137 5.53 18.02 -0.23
N LYS A 137 5.52 18.04 -0.24
CA LYS A 137 4.81 19.19 -0.74
CA LYS A 137 4.83 19.21 -0.79
C LYS A 137 5.57 20.46 -0.41
C LYS A 137 5.48 20.52 -0.36
N ALA A 138 6.00 20.60 0.89
CA ALA A 138 6.69 21.79 1.39
C ALA A 138 8.01 22.01 0.66
N LEU A 139 8.70 20.92 0.30
CA LEU A 139 9.99 21.03 -0.37
C LEU A 139 9.87 21.40 -1.84
N GLN A 140 8.74 21.06 -2.50
N GLN A 140 8.76 20.98 -2.49
CA GLN A 140 8.55 21.38 -3.93
CA GLN A 140 8.50 21.25 -3.90
C GLN A 140 9.65 20.73 -4.80
C GLN A 140 9.61 20.70 -4.79
N ILE A 141 9.95 19.44 -4.55
CA ILE A 141 10.97 18.74 -5.30
C ILE A 141 10.34 17.46 -5.88
N PRO A 142 10.98 16.86 -6.91
CA PRO A 142 10.41 15.64 -7.48
C PRO A 142 10.64 14.42 -6.60
N VAL A 143 9.85 13.39 -6.85
CA VAL A 143 9.92 12.12 -6.15
C VAL A 143 10.42 10.99 -7.04
N LEU A 144 11.20 10.08 -6.44
N LEU A 144 11.18 10.08 -6.45
CA LEU A 144 11.57 8.80 -7.05
CA LEU A 144 11.62 8.85 -7.12
C LEU A 144 10.83 7.74 -6.26
C LEU A 144 10.97 7.69 -6.32
N LEU A 145 10.05 6.92 -6.96
CA LEU A 145 9.29 5.88 -6.30
C LEU A 145 9.92 4.52 -6.50
N VAL A 146 10.18 3.83 -5.39
CA VAL A 146 10.71 2.47 -5.42
C VAL A 146 9.56 1.51 -5.17
N SER A 147 9.31 0.60 -6.13
CA SER A 147 8.23 -0.38 -6.00
C SER A 147 8.84 -1.77 -5.92
N ALA A 148 8.60 -2.54 -4.83
CA ALA A 148 9.09 -3.91 -4.76
C ALA A 148 8.05 -4.73 -5.55
N ILE A 149 8.53 -5.50 -6.51
CA ILE A 149 7.64 -6.30 -7.35
C ILE A 149 7.31 -7.56 -6.62
N LYS A 150 6.04 -7.69 -6.25
N LYS A 150 6.03 -7.70 -6.30
CA LYS A 150 5.46 -8.80 -5.51
CA LYS A 150 5.45 -8.84 -5.59
C LYS A 150 3.94 -8.70 -5.65
C LYS A 150 3.94 -8.73 -5.72
N VAL A 151 3.19 -9.78 -5.37
CA VAL A 151 1.72 -9.73 -5.48
C VAL A 151 1.19 -8.58 -4.60
N GLY A 152 0.39 -7.70 -5.20
CA GLY A 152 -0.17 -6.55 -4.52
C GLY A 152 0.53 -5.26 -4.88
N CYS A 153 1.71 -5.37 -5.52
CA CYS A 153 2.48 -4.18 -5.86
C CYS A 153 1.78 -3.29 -6.84
N ILE A 154 0.91 -3.83 -7.71
CA ILE A 154 0.28 -2.97 -8.69
C ILE A 154 -0.66 -1.99 -7.99
N ASN A 155 -1.55 -2.51 -7.15
CA ASN A 155 -2.43 -1.66 -6.37
C ASN A 155 -1.63 -0.56 -5.62
N HIS A 156 -0.57 -0.96 -4.90
CA HIS A 156 0.18 0.02 -4.13
C HIS A 156 0.92 1.04 -4.94
N THR A 157 1.48 0.63 -6.10
CA THR A 157 2.20 1.58 -6.92
C THR A 157 1.22 2.58 -7.53
N LEU A 158 0.07 2.10 -8.07
CA LEU A 158 -0.91 3.00 -8.67
C LEU A 158 -1.50 3.96 -7.63
N LEU A 159 -1.80 3.45 -6.42
CA LEU A 159 -2.33 4.32 -5.37
C LEU A 159 -1.34 5.41 -5.05
N THR A 160 -0.04 5.05 -4.94
CA THR A 160 0.98 6.06 -4.61
C THR A 160 1.12 7.11 -5.72
N ILE A 161 1.19 6.65 -6.99
CA ILE A 161 1.30 7.60 -8.11
C ILE A 161 0.10 8.51 -8.13
N ASN A 162 -1.12 7.97 -7.93
CA ASN A 162 -2.30 8.84 -8.00
C ASN A 162 -2.30 9.88 -6.91
N GLU A 163 -1.84 9.51 -5.71
CA GLU A 163 -1.78 10.48 -4.62
C GLU A 163 -0.78 11.61 -4.95
N LEU A 164 0.37 11.25 -5.56
CA LEU A 164 1.35 12.28 -5.98
C LEU A 164 0.69 13.22 -7.00
N ASN A 165 0.00 12.66 -8.00
N ASN A 165 -0.07 12.66 -7.95
CA ASN A 165 -0.65 13.41 -9.07
CA ASN A 165 -0.74 13.46 -8.98
C ASN A 165 -1.70 14.38 -8.54
C ASN A 165 -1.79 14.39 -8.36
N ARG A 166 -2.46 13.96 -7.49
N ARG A 166 -2.56 13.88 -7.36
CA ARG A 166 -3.51 14.79 -6.88
CA ARG A 166 -3.60 14.68 -6.68
C ARG A 166 -2.91 16.02 -6.24
C ARG A 166 -3.04 15.90 -5.94
N HIS A 167 -1.74 15.87 -5.59
CA HIS A 167 -1.07 16.96 -4.90
C HIS A 167 -0.06 17.69 -5.73
N ASN A 168 -0.07 17.45 -7.05
CA ASN A 168 0.81 18.15 -8.00
C ASN A 168 2.29 17.96 -7.67
N ILE A 169 2.67 16.73 -7.30
N ILE A 169 2.66 16.72 -7.33
CA ILE A 169 4.07 16.40 -7.00
CA ILE A 169 4.03 16.38 -7.04
C ILE A 169 4.64 15.66 -8.19
C ILE A 169 4.59 15.72 -8.28
N LYS A 170 5.75 16.20 -8.75
CA LYS A 170 6.41 15.61 -9.92
C LYS A 170 6.97 14.23 -9.60
N LEU A 171 6.64 13.25 -10.44
CA LEU A 171 7.20 11.91 -10.30
C LEU A 171 8.35 11.89 -11.31
N ALA A 172 9.59 11.93 -10.79
CA ALA A 172 10.79 11.92 -11.61
C ALA A 172 10.92 10.56 -12.29
N GLY A 173 10.44 9.52 -11.60
CA GLY A 173 10.42 8.17 -12.13
C GLY A 173 10.10 7.15 -11.07
N TRP A 174 9.77 5.95 -11.52
CA TRP A 174 9.56 4.81 -10.65
C TRP A 174 10.53 3.70 -11.01
N ILE A 175 10.98 2.97 -9.99
CA ILE A 175 11.96 1.92 -10.12
C ILE A 175 11.35 0.61 -9.67
N ALA A 176 11.54 -0.43 -10.48
CA ALA A 176 11.05 -1.75 -10.13
C ALA A 176 12.15 -2.49 -9.40
N ASN A 177 11.98 -2.68 -8.07
CA ASN A 177 12.97 -3.39 -7.32
C ASN A 177 12.55 -4.85 -7.30
N CYS A 178 13.23 -5.66 -8.09
CA CYS A 178 12.92 -7.07 -8.21
C CYS A 178 13.89 -7.82 -7.30
N ASN A 179 13.72 -7.53 -5.98
CA ASN A 179 14.50 -8.02 -4.84
C ASN A 179 14.20 -9.47 -4.48
N ASP A 180 13.16 -10.05 -5.09
CA ASP A 180 12.79 -11.44 -4.85
C ASP A 180 12.65 -12.12 -6.20
N SER A 181 13.68 -12.91 -6.57
CA SER A 181 13.74 -13.65 -7.83
C SER A 181 12.69 -14.78 -7.93
N ASN A 182 12.03 -15.15 -6.80
CA ASN A 182 11.01 -16.18 -6.73
C ASN A 182 9.61 -15.67 -7.08
N ILE A 183 9.46 -14.35 -7.24
CA ILE A 183 8.18 -13.75 -7.61
C ILE A 183 7.85 -14.10 -9.04
N LYS A 184 6.61 -14.54 -9.26
CA LYS A 184 6.13 -14.93 -10.56
C LYS A 184 5.65 -13.71 -11.33
N TYR A 185 5.76 -13.77 -12.65
CA TYR A 185 5.27 -12.75 -13.59
C TYR A 185 5.76 -11.33 -13.29
N ILE A 186 7.07 -11.20 -13.06
CA ILE A 186 7.66 -9.90 -12.78
C ILE A 186 7.48 -8.94 -13.95
N ASP A 187 7.83 -9.36 -15.19
CA ASP A 187 7.68 -8.45 -16.32
C ASP A 187 6.24 -8.09 -16.62
N GLU A 188 5.30 -9.04 -16.41
CA GLU A 188 3.87 -8.79 -16.60
C GLU A 188 3.39 -7.72 -15.62
N GLN A 189 3.85 -7.78 -14.35
CA GLN A 189 3.43 -6.79 -13.37
C GLN A 189 4.01 -5.41 -13.70
N ILE A 190 5.29 -5.37 -14.10
CA ILE A 190 5.88 -4.08 -14.47
C ILE A 190 5.10 -3.49 -15.65
N ASN A 191 4.80 -4.32 -16.65
CA ASN A 191 4.06 -3.88 -17.82
C ASN A 191 2.68 -3.32 -17.40
N THR A 192 1.97 -4.02 -16.49
CA THR A 192 0.65 -3.56 -16.03
C THR A 192 0.77 -2.18 -15.35
N ILE A 193 1.80 -1.99 -14.51
CA ILE A 193 1.97 -0.71 -13.86
C ILE A 193 2.23 0.39 -14.89
N GLU A 194 3.08 0.11 -15.90
CA GLU A 194 3.35 1.10 -16.94
C GLU A 194 2.08 1.47 -17.70
N GLU A 195 1.26 0.47 -18.08
N GLU A 195 1.27 0.46 -18.07
CA GLU A 195 0.05 0.71 -18.87
CA GLU A 195 0.04 0.64 -18.84
C GLU A 195 -1.07 1.41 -18.10
C GLU A 195 -1.01 1.44 -18.07
N LEU A 196 -1.26 1.06 -16.82
CA LEU A 196 -2.30 1.73 -16.02
C LEU A 196 -1.89 3.12 -15.54
N SER A 197 -0.60 3.30 -15.21
CA SER A 197 -0.11 4.59 -14.67
C SER A 197 0.27 5.60 -15.73
N GLY A 198 0.69 5.12 -16.89
CA GLY A 198 1.18 5.97 -17.98
C GLY A 198 2.66 6.33 -17.82
N TYR A 199 3.36 5.73 -16.83
CA TYR A 199 4.78 5.99 -16.60
C TYR A 199 5.60 4.75 -16.89
N LYS A 200 6.49 4.82 -17.89
CA LYS A 200 7.42 3.73 -18.20
C LYS A 200 8.35 3.58 -16.99
N CYS A 201 8.71 2.33 -16.67
CA CYS A 201 9.62 2.05 -15.60
C CYS A 201 11.00 2.68 -15.90
N SER A 202 11.57 3.42 -14.92
CA SER A 202 12.88 4.07 -15.10
C SER A 202 14.04 3.09 -15.04
N ALA A 203 13.90 2.05 -14.20
CA ALA A 203 14.94 1.03 -14.04
C ALA A 203 14.38 -0.20 -13.40
N LYS A 204 14.83 -1.36 -13.87
CA LYS A 204 14.46 -2.66 -13.32
C LYS A 204 15.72 -3.21 -12.64
N ILE A 205 15.70 -3.25 -11.30
CA ILE A 205 16.85 -3.68 -10.52
C ILE A 205 16.65 -5.06 -9.93
N SER A 206 17.58 -5.99 -10.20
CA SER A 206 17.48 -7.36 -9.68
C SER A 206 18.65 -7.64 -8.72
N ARG A 207 18.62 -8.82 -8.06
CA ARG A 207 19.65 -9.28 -7.12
C ARG A 207 21.03 -9.41 -7.79
N ASN A 208 21.05 -9.63 -9.12
CA ASN A 208 22.25 -9.74 -9.94
C ASN A 208 22.53 -8.40 -10.63
N ALA A 209 23.75 -7.85 -10.42
CA ALA A 209 24.20 -6.58 -11.01
C ALA A 209 24.22 -6.67 -12.54
N ASP A 210 23.85 -5.57 -13.21
CA ASP A 210 23.74 -5.52 -14.67
C ASP A 210 24.22 -4.19 -15.25
N TYR A 211 24.57 -4.15 -16.55
CA TYR A 211 25.03 -2.94 -17.25
C TYR A 211 23.86 -1.97 -17.42
N LEU A 212 22.67 -2.52 -17.80
CA LEU A 212 21.41 -1.80 -17.98
C LEU A 212 21.08 -1.03 -16.71
N ASP A 213 21.36 -1.62 -15.52
CA ASP A 213 21.12 -1.03 -14.22
C ASP A 213 21.74 0.33 -14.11
N PHE A 214 23.07 0.39 -14.28
CA PHE A 214 23.76 1.67 -14.14
C PHE A 214 23.44 2.65 -15.25
N ILE A 215 23.23 2.18 -16.50
CA ILE A 215 22.83 3.06 -17.59
C ILE A 215 21.46 3.67 -17.24
N ASP A 216 20.46 2.83 -16.90
CA ASP A 216 19.13 3.30 -16.55
C ASP A 216 19.10 4.20 -15.34
N LEU A 217 19.85 3.84 -14.28
CA LEU A 217 19.94 4.69 -13.10
C LEU A 217 20.59 6.02 -13.44
N SER A 218 21.69 6.00 -14.25
CA SER A 218 22.32 7.26 -14.63
C SER A 218 21.36 8.19 -15.37
N LYS A 219 20.48 7.63 -16.23
CA LYS A 219 19.53 8.41 -17.04
C LYS A 219 18.51 9.15 -16.17
N ILE A 220 18.20 8.62 -14.97
CA ILE A 220 17.27 9.28 -14.04
C ILE A 220 17.87 10.61 -13.59
N LEU A 221 19.21 10.63 -13.42
CA LEU A 221 19.98 11.76 -12.92
C LEU A 221 20.27 12.80 -13.99
N ILE A 222 20.27 12.38 -15.28
CA ILE A 222 20.52 13.27 -16.43
C ILE A 222 19.19 13.63 -17.09
N ALA B 3 -34.72 -1.36 -0.35
CA ALA B 3 -34.10 -0.95 0.90
C ALA B 3 -32.86 -1.80 1.23
N MSE B 4 -32.43 -2.65 0.27
CA MSE B 4 -31.28 -3.54 0.42
C MSE B 4 -29.98 -2.78 0.59
O MSE B 4 -29.65 -1.94 -0.26
CB MSE B 4 -31.18 -4.47 -0.80
CG MSE B 4 -30.11 -5.56 -0.68
SE MSE B 4 -29.83 -6.53 -2.36
CE MSE B 4 -31.62 -7.16 -2.65
N LYS B 5 -29.23 -3.07 1.67
CA LYS B 5 -27.92 -2.44 1.89
C LYS B 5 -26.90 -3.21 1.05
N LYS B 6 -25.91 -2.48 0.51
N LYS B 6 -25.92 -2.49 0.49
CA LYS B 6 -24.90 -3.07 -0.35
CA LYS B 6 -24.90 -3.09 -0.36
C LYS B 6 -23.53 -2.65 0.11
C LYS B 6 -23.53 -2.65 0.11
N PHE B 7 -22.56 -3.59 0.14
CA PHE B 7 -21.20 -3.27 0.58
C PHE B 7 -20.22 -4.01 -0.27
N PHE B 8 -19.32 -3.26 -0.91
CA PHE B 8 -18.25 -3.88 -1.70
C PHE B 8 -17.03 -3.92 -0.78
N ILE B 9 -16.54 -5.14 -0.50
CA ILE B 9 -15.44 -5.33 0.44
C ILE B 9 -14.11 -5.39 -0.27
N ILE B 10 -13.18 -4.52 0.14
CA ILE B 10 -11.83 -4.48 -0.40
C ILE B 10 -10.83 -4.50 0.72
N GLY B 11 -9.59 -4.86 0.39
CA GLY B 11 -8.52 -4.82 1.35
C GLY B 11 -7.54 -3.70 1.08
N THR B 12 -6.67 -3.43 2.05
CA THR B 12 -5.57 -2.44 1.93
C THR B 12 -4.37 -3.03 1.24
N ASP B 13 -4.35 -4.37 1.11
CA ASP B 13 -3.28 -5.11 0.45
C ASP B 13 -3.81 -6.49 0.11
N THR B 14 -2.99 -7.31 -0.56
N THR B 14 -3.24 -7.19 -0.87
CA THR B 14 -3.33 -8.70 -0.83
CA THR B 14 -3.42 -8.65 -0.85
C THR B 14 -3.00 -9.39 0.48
C THR B 14 -3.20 -9.22 0.57
N GLU B 15 -3.81 -10.38 0.84
CA GLU B 15 -3.68 -11.13 2.10
C GLU B 15 -3.83 -10.30 3.41
N VAL B 16 -5.01 -9.67 3.58
CA VAL B 16 -5.33 -8.91 4.79
C VAL B 16 -6.41 -9.61 5.60
N GLY B 17 -6.73 -10.86 5.23
CA GLY B 17 -7.78 -11.61 5.89
C GLY B 17 -9.17 -11.10 5.56
N LYS B 18 -9.36 -10.53 4.35
CA LYS B 18 -10.64 -10.01 3.88
C LYS B 18 -11.73 -11.12 3.96
N THR B 19 -11.42 -12.36 3.52
CA THR B 19 -12.40 -13.45 3.53
C THR B 19 -12.79 -13.80 4.95
N TYR B 20 -11.82 -13.80 5.87
CA TYR B 20 -12.08 -14.05 7.27
C TYR B 20 -13.09 -13.02 7.79
N ILE B 21 -12.91 -11.74 7.44
CA ILE B 21 -13.86 -10.70 7.86
C ILE B 21 -15.24 -10.94 7.21
N SER B 22 -15.29 -11.29 5.91
CA SER B 22 -16.57 -11.56 5.26
C SER B 22 -17.31 -12.66 6.03
N THR B 23 -16.60 -13.74 6.45
CA THR B 23 -17.27 -14.80 7.22
C THR B 23 -17.84 -14.31 8.56
N LYS B 24 -17.17 -13.32 9.20
CA LYS B 24 -17.67 -12.76 10.46
C LYS B 24 -18.93 -11.92 10.21
N LEU B 25 -18.96 -11.14 9.10
CA LEU B 25 -20.13 -10.37 8.72
C LEU B 25 -21.31 -11.29 8.41
N ILE B 26 -21.05 -12.42 7.71
CA ILE B 26 -22.08 -13.41 7.38
C ILE B 26 -22.62 -13.99 8.69
N GLU B 27 -21.73 -14.39 9.62
CA GLU B 27 -22.10 -14.96 10.90
C GLU B 27 -23.03 -14.03 11.68
N VAL B 28 -22.76 -12.69 11.66
CA VAL B 28 -23.62 -11.73 12.38
C VAL B 28 -25.02 -11.71 11.76
N CYS B 29 -25.09 -11.66 10.42
CA CYS B 29 -26.37 -11.67 9.71
C CYS B 29 -27.16 -12.92 9.99
N GLU B 30 -26.49 -14.09 9.90
CA GLU B 30 -27.12 -15.39 10.13
C GLU B 30 -27.69 -15.49 11.52
N HIS B 31 -26.93 -15.04 12.52
CA HIS B 31 -27.37 -15.08 13.92
C HIS B 31 -28.56 -14.16 14.21
N GLN B 32 -28.62 -13.00 13.52
N GLN B 32 -28.62 -13.00 13.52
CA GLN B 32 -29.68 -12.00 13.68
CA GLN B 32 -29.67 -12.00 13.67
C GLN B 32 -30.90 -12.28 12.79
C GLN B 32 -30.89 -12.25 12.76
N ASN B 33 -30.85 -13.37 11.99
CA ASN B 33 -31.91 -13.78 11.05
C ASN B 33 -32.14 -12.73 9.95
N ILE B 34 -31.06 -11.99 9.61
CA ILE B 34 -31.02 -10.99 8.55
C ILE B 34 -30.79 -11.79 7.26
N LYS B 35 -31.53 -11.49 6.20
CA LYS B 35 -31.35 -12.19 4.92
C LYS B 35 -30.18 -11.51 4.20
N SER B 36 -29.08 -12.23 4.03
CA SER B 36 -27.92 -11.68 3.34
C SER B 36 -27.37 -12.67 2.34
N LEU B 37 -26.50 -12.16 1.47
CA LEU B 37 -25.77 -12.95 0.51
C LEU B 37 -24.43 -12.27 0.36
N CYS B 38 -23.37 -13.07 0.19
CA CYS B 38 -22.02 -12.56 -0.04
C CYS B 38 -21.53 -13.09 -1.36
N LEU B 39 -21.25 -12.20 -2.31
CA LEU B 39 -20.70 -12.62 -3.59
C LEU B 39 -19.17 -12.61 -3.54
N LYS B 40 -18.54 -13.42 -4.38
CA LYS B 40 -17.09 -13.41 -4.61
C LYS B 40 -17.01 -13.49 -6.15
N PRO B 41 -17.32 -12.39 -6.87
CA PRO B 41 -17.45 -12.49 -8.34
C PRO B 41 -16.22 -12.97 -9.07
N VAL B 42 -15.02 -12.56 -8.61
CA VAL B 42 -13.73 -12.96 -9.18
C VAL B 42 -12.95 -13.67 -8.06
N ALA B 43 -12.48 -14.89 -8.30
CA ALA B 43 -11.72 -15.62 -7.30
C ALA B 43 -10.51 -16.29 -7.90
N SER B 44 -9.49 -16.60 -7.09
CA SER B 44 -8.30 -17.33 -7.52
C SER B 44 -7.87 -18.32 -6.45
N GLY B 45 -7.18 -19.40 -6.86
CA GLY B 45 -6.67 -20.44 -5.97
C GLY B 45 -7.69 -21.49 -5.56
N GLN B 46 -7.62 -22.69 -6.14
CA GLN B 46 -8.53 -23.82 -5.89
C GLN B 46 -8.25 -24.52 -4.55
N SER B 47 -9.34 -24.86 -3.82
CA SER B 47 -9.33 -25.56 -2.52
C SER B 47 -8.65 -26.95 -2.64
N GLU B 51 -12.30 -28.54 -6.11
CA GLU B 51 -13.02 -28.10 -7.30
C GLU B 51 -13.31 -26.59 -7.29
N LEU B 52 -13.64 -26.05 -6.12
CA LEU B 52 -13.96 -24.64 -5.94
C LEU B 52 -12.80 -23.90 -5.32
N CYS B 53 -12.77 -22.56 -5.46
CA CYS B 53 -11.72 -21.73 -4.89
C CYS B 53 -11.89 -21.64 -3.38
N GLU B 54 -10.78 -21.50 -2.63
CA GLU B 54 -10.81 -21.44 -1.16
C GLU B 54 -11.73 -20.36 -0.60
N ASP B 55 -11.69 -19.14 -1.17
CA ASP B 55 -12.55 -18.06 -0.70
C ASP B 55 -14.03 -18.33 -1.00
N VAL B 56 -14.31 -18.96 -2.16
CA VAL B 56 -15.68 -19.33 -2.53
C VAL B 56 -16.20 -20.34 -1.50
N GLU B 57 -15.41 -21.40 -1.23
N GLU B 57 -15.42 -21.40 -1.24
CA GLU B 57 -15.75 -22.42 -0.26
CA GLU B 57 -15.78 -22.42 -0.26
C GLU B 57 -15.98 -21.83 1.14
C GLU B 57 -16.00 -21.81 1.13
N SER B 58 -15.14 -20.85 1.55
CA SER B 58 -15.25 -20.19 2.85
C SER B 58 -16.59 -19.48 3.01
N ILE B 59 -17.03 -18.80 1.95
CA ILE B 59 -18.30 -18.08 1.96
C ILE B 59 -19.46 -19.09 1.96
N LEU B 60 -19.39 -20.12 1.09
CA LEU B 60 -20.47 -21.11 1.06
C LEU B 60 -20.64 -21.81 2.41
N ASN B 61 -19.52 -22.10 3.09
N ASN B 61 -19.52 -22.10 3.10
CA ASN B 61 -19.51 -22.74 4.40
CA ASN B 61 -19.50 -22.73 4.42
C ASN B 61 -20.13 -21.82 5.47
C ASN B 61 -20.16 -21.82 5.46
N ALA B 62 -19.87 -20.50 5.41
CA ALA B 62 -20.44 -19.52 6.36
C ALA B 62 -21.98 -19.48 6.25
N TYR B 63 -22.52 -19.71 5.03
CA TYR B 63 -23.97 -19.76 4.80
C TYR B 63 -24.57 -21.16 4.97
N LYS B 64 -23.80 -22.10 5.52
CA LYS B 64 -24.24 -23.47 5.73
C LYS B 64 -24.82 -24.10 4.44
N HIS B 65 -24.19 -23.78 3.30
CA HIS B 65 -24.55 -24.28 1.97
C HIS B 65 -25.97 -23.94 1.50
N LYS B 66 -26.54 -22.83 2.00
CA LYS B 66 -27.86 -22.31 1.59
C LYS B 66 -27.75 -21.86 0.12
N PHE B 67 -26.55 -21.43 -0.27
CA PHE B 67 -26.25 -20.96 -1.64
C PHE B 67 -25.23 -21.84 -2.34
N THR B 68 -25.19 -21.76 -3.68
CA THR B 68 -24.25 -22.51 -4.53
C THR B 68 -23.11 -21.59 -4.99
N ALA B 69 -22.00 -22.17 -5.45
CA ALA B 69 -20.84 -21.44 -6.00
C ALA B 69 -21.24 -20.60 -7.21
N ALA B 70 -22.18 -21.11 -8.02
CA ALA B 70 -22.69 -20.40 -9.20
C ALA B 70 -23.51 -19.17 -8.82
N GLU B 71 -24.12 -19.17 -7.61
CA GLU B 71 -24.92 -18.04 -7.12
C GLU B 71 -24.02 -16.91 -6.64
N ILE B 72 -22.79 -17.22 -6.24
CA ILE B 72 -21.89 -16.22 -5.67
C ILE B 72 -20.67 -15.83 -6.52
N ASN B 73 -20.25 -16.72 -7.44
CA ASN B 73 -19.02 -16.49 -8.20
C ASN B 73 -19.29 -16.53 -9.68
N LEU B 74 -18.60 -15.64 -10.43
CA LEU B 74 -18.74 -15.59 -11.89
C LEU B 74 -17.50 -16.15 -12.59
N ILE B 75 -16.30 -15.69 -12.17
N ILE B 75 -16.29 -15.78 -12.12
CA ILE B 75 -15.01 -16.09 -12.76
CA ILE B 75 -15.03 -16.25 -12.71
C ILE B 75 -14.04 -16.58 -11.69
C ILE B 75 -14.01 -16.69 -11.65
N SER B 76 -13.26 -17.62 -12.03
N SER B 76 -13.26 -17.78 -11.93
CA SER B 76 -12.26 -18.22 -11.15
CA SER B 76 -12.26 -18.36 -11.04
C SER B 76 -10.91 -18.38 -11.87
C SER B 76 -10.93 -18.69 -11.72
N PHE B 77 -9.80 -18.25 -11.13
CA PHE B 77 -8.43 -18.46 -11.65
C PHE B 77 -7.70 -19.41 -10.72
N ASN B 78 -6.69 -20.12 -11.08
N ASN B 78 -6.68 -20.08 -11.21
CA ASN B 78 -6.11 -20.97 -10.21
CA ASN B 78 -6.01 -20.98 -10.27
C ASN B 78 -4.79 -20.46 -9.57
C ASN B 78 -4.69 -20.60 -9.68
N GLN B 79 -3.99 -19.76 -10.38
CA GLN B 79 -2.74 -19.24 -9.79
C GLN B 79 -3.02 -18.14 -8.79
N ALA B 80 -2.36 -18.14 -7.63
CA ALA B 80 -2.45 -16.98 -6.71
C ALA B 80 -1.59 -15.74 -7.09
N VAL B 81 -1.92 -15.11 -8.22
N VAL B 81 -1.90 -15.13 -8.22
CA VAL B 81 -1.31 -13.90 -8.72
CA VAL B 81 -1.23 -14.00 -8.68
C VAL B 81 -2.55 -13.07 -9.18
C VAL B 81 -2.28 -12.92 -9.17
N ALA B 82 -2.46 -12.00 -9.90
N ALA B 82 -1.80 -11.77 -9.65
CA ALA B 82 -3.67 -11.82 -10.81
CA ALA B 82 -2.72 -10.75 -10.11
C ALA B 82 -4.68 -13.03 -10.97
C ALA B 82 -3.69 -11.42 -11.06
N PRO B 83 -5.97 -12.96 -10.60
N PRO B 83 -5.00 -11.23 -10.83
CA PRO B 83 -6.95 -13.21 -11.61
CA PRO B 83 -6.04 -11.92 -11.60
C PRO B 83 -6.47 -12.49 -12.92
C PRO B 83 -6.05 -11.57 -13.07
N HIS B 84 -5.99 -11.28 -12.90
N HIS B 84 -5.71 -10.32 -13.44
CA HIS B 84 -5.79 -10.59 -14.14
CA HIS B 84 -5.60 -9.90 -14.82
C HIS B 84 -4.62 -11.02 -15.10
C HIS B 84 -4.47 -10.69 -15.48
N ILE B 85 -3.53 -11.43 -14.48
N ILE B 85 -3.58 -11.32 -14.52
CA ILE B 85 -2.43 -11.96 -15.25
CA ILE B 85 -2.49 -11.88 -15.31
C ILE B 85 -2.79 -13.39 -15.72
C ILE B 85 -2.85 -13.31 -15.77
N ILE B 86 -3.47 -14.18 -14.91
CA ILE B 86 -3.96 -15.51 -15.32
C ILE B 86 -5.03 -15.41 -16.40
N ALA B 87 -5.88 -14.38 -16.29
CA ALA B 87 -6.89 -14.15 -17.32
C ALA B 87 -6.19 -13.93 -18.67
N ALA B 88 -5.14 -13.10 -18.71
CA ALA B 88 -4.42 -12.87 -19.95
C ALA B 88 -3.71 -14.12 -20.45
N LYS B 89 -3.13 -14.92 -19.54
CA LYS B 89 -2.44 -16.15 -19.95
C LYS B 89 -3.38 -17.17 -20.52
N THR B 90 -4.62 -17.22 -19.98
CA THR B 90 -5.63 -18.19 -20.42
C THR B 90 -6.57 -17.66 -21.48
N LYS B 91 -6.32 -16.42 -21.92
CA LYS B 91 -7.09 -15.77 -23.00
C LYS B 91 -8.57 -15.58 -22.66
N VAL B 92 -8.84 -15.21 -21.41
CA VAL B 92 -10.21 -14.91 -20.98
C VAL B 92 -10.25 -13.49 -20.41
N ASP B 93 -11.43 -12.88 -20.42
CA ASP B 93 -11.58 -11.52 -19.94
C ASP B 93 -12.30 -11.44 -18.63
N ILE B 94 -11.87 -10.51 -17.77
CA ILE B 94 -12.58 -10.18 -16.53
C ILE B 94 -13.25 -8.86 -16.96
N SER B 95 -14.49 -8.94 -17.39
CA SER B 95 -15.20 -7.80 -17.96
C SER B 95 -15.99 -7.02 -16.93
N ILE B 96 -15.80 -5.69 -16.87
CA ILE B 96 -16.53 -4.82 -15.94
C ILE B 96 -18.03 -4.96 -16.19
N GLU B 97 -18.49 -4.92 -17.45
CA GLU B 97 -19.93 -5.01 -17.71
C GLU B 97 -20.51 -6.34 -17.25
N ASN B 98 -19.79 -7.46 -17.48
CA ASN B 98 -20.31 -8.76 -17.07
C ASN B 98 -20.35 -8.85 -15.53
N LEU B 99 -19.33 -8.30 -14.86
CA LEU B 99 -19.35 -8.35 -13.39
C LEU B 99 -20.46 -7.46 -12.83
N LYS B 100 -20.66 -6.28 -13.44
N LYS B 100 -20.66 -6.28 -13.44
CA LYS B 100 -21.70 -5.34 -13.01
CA LYS B 100 -21.70 -5.33 -13.02
C LYS B 100 -23.08 -5.98 -13.15
C LYS B 100 -23.08 -5.97 -13.15
N GLN B 101 -23.33 -6.67 -14.28
CA GLN B 101 -24.60 -7.34 -14.52
C GLN B 101 -24.81 -8.47 -13.52
N PHE B 102 -23.74 -9.22 -13.22
CA PHE B 102 -23.80 -10.31 -12.25
C PHE B 102 -24.18 -9.82 -10.86
N ILE B 103 -23.60 -8.71 -10.43
CA ILE B 103 -23.88 -8.19 -9.11
C ILE B 103 -25.27 -7.56 -9.07
N GLU B 104 -25.56 -6.66 -10.02
CA GLU B 104 -26.86 -5.94 -10.01
C GLU B 104 -28.05 -6.86 -10.20
N ASP B 105 -27.81 -8.05 -10.76
CA ASP B 105 -28.86 -9.04 -10.93
C ASP B 105 -29.44 -9.49 -9.57
N LYS B 106 -28.63 -9.38 -8.50
CA LYS B 106 -29.08 -9.79 -7.15
C LYS B 106 -29.99 -8.77 -6.48
N TYR B 107 -30.12 -7.56 -7.04
CA TYR B 107 -30.88 -6.49 -6.39
C TYR B 107 -32.37 -6.70 -6.22
N ASN B 108 -32.96 -7.69 -6.93
CA ASN B 108 -34.38 -7.95 -6.76
C ASN B 108 -34.65 -9.23 -5.97
N GLN B 109 -33.61 -9.77 -5.32
N GLN B 109 -33.59 -9.82 -5.41
CA GLN B 109 -33.74 -10.92 -4.44
CA GLN B 109 -33.67 -11.01 -4.57
C GLN B 109 -34.28 -10.39 -3.12
C GLN B 109 -34.04 -10.57 -3.18
N ASP B 110 -34.92 -11.25 -2.30
N ASP B 110 -34.78 -11.41 -2.46
CA ASP B 110 -35.44 -10.83 -1.00
CA ASP B 110 -35.25 -11.11 -1.11
C ASP B 110 -34.29 -10.88 0.01
C ASP B 110 -34.06 -11.06 -0.14
N LEU B 111 -33.38 -9.91 -0.10
CA LEU B 111 -32.23 -9.78 0.78
C LEU B 111 -32.27 -8.45 1.47
N ASP B 112 -31.82 -8.43 2.73
CA ASP B 112 -31.68 -7.19 3.50
C ASP B 112 -30.30 -6.60 3.20
N ILE B 113 -29.27 -7.46 3.04
CA ILE B 113 -27.91 -7.01 2.85
C ILE B 113 -27.22 -7.84 1.76
N LEU B 114 -26.47 -7.15 0.89
CA LEU B 114 -25.69 -7.83 -0.12
C LEU B 114 -24.25 -7.41 0.07
N PHE B 115 -23.39 -8.38 0.31
CA PHE B 115 -21.95 -8.11 0.39
C PHE B 115 -21.34 -8.57 -0.90
N ILE B 116 -20.28 -7.87 -1.34
CA ILE B 116 -19.58 -8.29 -2.55
C ILE B 116 -18.11 -8.28 -2.18
N GLU B 117 -17.48 -9.45 -2.08
CA GLU B 117 -16.06 -9.48 -1.75
C GLU B 117 -15.25 -9.40 -3.05
N GLY B 118 -14.44 -8.36 -3.14
CA GLY B 118 -13.61 -8.13 -4.31
C GLY B 118 -12.40 -9.05 -4.38
N ALA B 119 -11.47 -8.72 -5.30
CA ALA B 119 -10.27 -9.53 -5.59
C ALA B 119 -8.92 -8.98 -5.19
N GLY B 120 -8.88 -8.30 -4.04
CA GLY B 120 -7.67 -7.71 -3.48
C GLY B 120 -7.95 -6.26 -3.11
N GLY B 121 -7.02 -5.39 -3.50
CA GLY B 121 -7.08 -3.95 -3.24
C GLY B 121 -7.92 -3.15 -4.19
N LEU B 122 -7.98 -1.84 -3.96
CA LEU B 122 -8.84 -0.97 -4.74
C LEU B 122 -8.42 -0.87 -6.19
N LEU B 123 -7.11 -0.74 -6.44
CA LEU B 123 -6.57 -0.62 -7.78
C LEU B 123 -5.97 -1.91 -8.29
N THR B 124 -6.43 -3.06 -7.75
CA THR B 124 -6.06 -4.38 -8.27
C THR B 124 -6.63 -4.42 -9.70
N PRO B 125 -5.80 -4.69 -10.70
CA PRO B 125 -6.28 -4.66 -12.10
C PRO B 125 -7.23 -5.80 -12.44
N TYR B 126 -8.15 -5.52 -13.37
CA TYR B 126 -8.98 -6.56 -13.92
C TYR B 126 -8.46 -6.86 -15.34
N SER B 127 -7.64 -5.94 -15.88
CA SER B 127 -6.99 -6.02 -17.18
C SER B 127 -5.85 -5.01 -17.19
N ASP B 128 -5.11 -4.88 -18.30
CA ASP B 128 -4.06 -3.86 -18.32
C ASP B 128 -4.68 -2.44 -18.60
N HIS B 129 -6.03 -2.32 -18.60
CA HIS B 129 -6.69 -1.03 -18.81
C HIS B 129 -7.86 -0.78 -17.86
N THR B 130 -8.09 -1.70 -16.91
CA THR B 130 -9.17 -1.55 -15.95
C THR B 130 -8.74 -2.03 -14.59
N THR B 131 -9.37 -1.48 -13.54
CA THR B 131 -9.11 -1.91 -12.19
C THR B 131 -10.43 -2.21 -11.49
N GLN B 132 -10.33 -2.76 -10.29
CA GLN B 132 -11.51 -3.02 -9.48
C GLN B 132 -12.29 -1.72 -9.21
N LEU B 133 -11.58 -0.58 -9.06
N LEU B 133 -11.58 -0.58 -9.04
CA LEU B 133 -12.26 0.70 -8.84
CA LEU B 133 -12.26 0.71 -8.81
C LEU B 133 -13.28 0.95 -9.94
C LEU B 133 -13.24 1.03 -9.96
N ASP B 134 -12.93 0.63 -11.20
CA ASP B 134 -13.83 0.86 -12.32
C ASP B 134 -15.16 0.16 -12.11
N LEU B 135 -15.13 -1.07 -11.55
CA LEU B 135 -16.37 -1.78 -11.26
C LEU B 135 -17.11 -1.10 -10.10
N ILE B 136 -16.38 -0.81 -8.99
CA ILE B 136 -17.02 -0.22 -7.83
C ILE B 136 -17.70 1.11 -8.21
N LYS B 137 -16.99 1.95 -8.99
CA LYS B 137 -17.53 3.24 -9.45
C LYS B 137 -18.76 3.05 -10.34
N ALA B 138 -18.75 2.02 -11.23
CA ALA B 138 -19.91 1.74 -12.08
C ALA B 138 -21.12 1.32 -11.22
N LEU B 139 -20.88 0.56 -10.13
CA LEU B 139 -21.96 0.12 -9.24
C LEU B 139 -22.55 1.23 -8.40
N GLN B 140 -21.75 2.26 -8.06
N GLN B 140 -21.74 2.26 -8.05
CA GLN B 140 -22.22 3.38 -7.21
CA GLN B 140 -22.18 3.39 -7.20
C GLN B 140 -22.76 2.86 -5.88
C GLN B 140 -22.70 2.92 -5.83
N ILE B 141 -21.99 1.96 -5.23
CA ILE B 141 -22.35 1.41 -3.93
C ILE B 141 -21.21 1.67 -2.95
N PRO B 142 -21.49 1.63 -1.64
CA PRO B 142 -20.44 1.90 -0.67
C PRO B 142 -19.46 0.75 -0.50
N VAL B 143 -18.29 1.12 0.04
CA VAL B 143 -17.20 0.21 0.27
C VAL B 143 -16.95 -0.04 1.75
N LEU B 144 -16.59 -1.29 2.07
N LEU B 144 -16.66 -1.29 2.10
CA LEU B 144 -16.10 -1.66 3.39
CA LEU B 144 -16.28 -1.62 3.46
C LEU B 144 -14.63 -2.08 3.25
C LEU B 144 -14.82 -2.08 3.35
N LEU B 145 -13.74 -1.33 3.89
N LEU B 145 -13.90 -1.29 3.93
CA LEU B 145 -12.31 -1.51 3.74
CA LEU B 145 -12.46 -1.53 3.87
C LEU B 145 -11.73 -2.27 4.91
C LEU B 145 -11.96 -2.45 4.96
N VAL B 146 -11.07 -3.39 4.61
CA VAL B 146 -10.43 -4.25 5.60
C VAL B 146 -8.96 -3.89 5.60
N SER B 147 -8.43 -3.48 6.76
N SER B 147 -8.43 -3.43 6.75
CA SER B 147 -7.02 -3.13 6.90
CA SER B 147 -7.01 -3.11 6.89
C SER B 147 -6.36 -4.11 7.86
C SER B 147 -6.35 -4.10 7.85
N ALA B 148 -5.29 -4.81 7.41
CA ALA B 148 -4.57 -5.69 8.31
C ALA B 148 -3.58 -4.80 9.04
N ILE B 149 -3.59 -4.84 10.36
CA ILE B 149 -2.75 -3.97 11.17
C ILE B 149 -1.37 -4.56 11.26
N LYS B 150 -0.42 -3.85 10.67
N LYS B 150 -0.41 -3.88 10.63
CA LYS B 150 0.99 -4.23 10.60
CA LYS B 150 1.00 -4.26 10.55
C LYS B 150 1.78 -2.97 10.22
C LYS B 150 1.78 -3.04 10.11
N VAL B 151 3.12 -3.03 10.30
CA VAL B 151 3.92 -1.88 9.90
C VAL B 151 3.70 -1.58 8.41
N GLY B 152 3.29 -0.33 8.14
CA GLY B 152 3.02 0.12 6.78
C GLY B 152 1.54 0.25 6.47
N CYS B 153 0.67 -0.28 7.37
CA CYS B 153 -0.77 -0.23 7.13
C CYS B 153 -1.37 1.16 7.10
N ILE B 154 -0.73 2.13 7.78
CA ILE B 154 -1.33 3.44 7.83
C ILE B 154 -1.25 4.06 6.44
N ASN B 155 -0.05 4.05 5.85
CA ASN B 155 0.11 4.54 4.48
C ASN B 155 -0.92 3.85 3.56
N HIS B 156 -1.02 2.49 3.61
CA HIS B 156 -1.93 1.83 2.68
C HIS B 156 -3.38 2.15 2.91
N THR B 157 -3.78 2.29 4.19
CA THR B 157 -5.18 2.58 4.48
C THR B 157 -5.55 4.00 4.02
N LEU B 158 -4.67 4.99 4.32
CA LEU B 158 -4.94 6.37 3.93
C LEU B 158 -4.94 6.52 2.40
N LEU B 159 -4.00 5.85 1.72
CA LEU B 159 -3.97 5.92 0.25
C LEU B 159 -5.29 5.40 -0.32
N THR B 160 -5.77 4.26 0.20
CA THR B 160 -7.00 3.65 -0.31
C THR B 160 -8.19 4.59 -0.04
N ILE B 161 -8.31 5.12 1.21
CA ILE B 161 -9.39 6.03 1.54
C ILE B 161 -9.36 7.27 0.61
N ASN B 162 -8.15 7.80 0.34
CA ASN B 162 -8.07 8.97 -0.53
C ASN B 162 -8.49 8.70 -1.95
N GLU B 163 -8.13 7.51 -2.47
CA GLU B 163 -8.53 7.16 -3.83
C GLU B 163 -10.07 7.02 -3.90
N LEU B 164 -10.68 6.44 -2.86
CA LEU B 164 -12.15 6.34 -2.83
C LEU B 164 -12.77 7.74 -2.87
N ASN B 165 -12.19 8.67 -2.08
CA ASN B 165 -12.70 10.04 -2.00
C ASN B 165 -12.60 10.70 -3.39
N ARG B 166 -11.48 10.51 -4.06
CA ARG B 166 -11.28 11.15 -5.38
C ARG B 166 -12.35 10.74 -6.39
N HIS B 167 -12.85 9.50 -6.26
CA HIS B 167 -13.85 8.95 -7.18
C HIS B 167 -15.24 8.93 -6.61
N ASN B 168 -15.46 9.65 -5.49
CA ASN B 168 -16.78 9.79 -4.84
C ASN B 168 -17.43 8.45 -4.57
N ILE B 169 -16.61 7.52 -4.06
CA ILE B 169 -17.10 6.20 -3.66
C ILE B 169 -17.23 6.28 -2.15
N LYS B 170 -18.45 6.11 -1.62
CA LYS B 170 -18.68 6.21 -0.19
C LYS B 170 -17.96 5.13 0.58
N LEU B 171 -17.28 5.53 1.67
CA LEU B 171 -16.65 4.56 2.55
C LEU B 171 -17.70 4.31 3.65
N ALA B 172 -18.32 3.13 3.63
CA ALA B 172 -19.30 2.78 4.67
C ALA B 172 -18.60 2.56 6.00
N GLY B 173 -17.35 2.12 5.93
CA GLY B 173 -16.59 1.88 7.14
C GLY B 173 -15.30 1.16 6.85
N TRP B 174 -14.42 1.14 7.83
CA TRP B 174 -13.18 0.40 7.75
C TRP B 174 -13.04 -0.47 8.97
N ILE B 175 -12.45 -1.64 8.77
CA ILE B 175 -12.31 -2.65 9.82
C ILE B 175 -10.86 -2.93 10.03
N ALA B 176 -10.42 -2.95 11.29
CA ALA B 176 -9.04 -3.27 11.60
C ALA B 176 -8.94 -4.76 11.85
N ASN B 177 -8.30 -5.49 10.93
CA ASN B 177 -8.07 -6.91 11.12
C ASN B 177 -6.75 -7.04 11.84
N CYS B 178 -6.81 -7.26 13.16
CA CYS B 178 -5.61 -7.39 13.99
C CYS B 178 -5.26 -8.85 14.05
N ASN B 179 -4.89 -9.40 12.88
CA ASN B 179 -4.65 -10.81 12.68
C ASN B 179 -3.30 -11.34 13.15
N ASP B 180 -2.47 -10.46 13.67
CA ASP B 180 -1.14 -10.82 14.15
C ASP B 180 -0.87 -10.14 15.48
N SER B 181 -1.01 -10.89 16.57
CA SER B 181 -0.82 -10.35 17.92
C SER B 181 0.62 -9.94 18.25
N ASN B 182 1.57 -10.26 17.36
CA ASN B 182 2.96 -9.85 17.61
C ASN B 182 3.21 -8.43 17.15
N ILE B 183 2.25 -7.85 16.41
CA ILE B 183 2.41 -6.48 15.93
C ILE B 183 2.33 -5.55 17.13
N LYS B 184 3.33 -4.67 17.26
N LYS B 184 3.34 -4.68 17.27
CA LYS B 184 3.35 -3.74 18.37
CA LYS B 184 3.35 -3.74 18.37
C LYS B 184 2.51 -2.51 18.06
C LYS B 184 2.46 -2.54 18.05
N TYR B 185 2.03 -1.84 19.11
CA TYR B 185 1.27 -0.59 19.01
C TYR B 185 0.07 -0.64 18.09
N ILE B 186 -0.73 -1.71 18.25
CA ILE B 186 -1.93 -1.90 17.42
C ILE B 186 -2.93 -0.79 17.63
N ASP B 187 -3.22 -0.47 18.89
N ASP B 187 -3.25 -0.46 18.88
CA ASP B 187 -4.16 0.59 19.25
CA ASP B 187 -4.23 0.62 19.09
C ASP B 187 -3.70 1.96 18.72
C ASP B 187 -3.71 1.98 18.64
N GLU B 188 -2.39 2.25 18.76
CA GLU B 188 -1.81 3.51 18.27
C GLU B 188 -1.94 3.61 16.76
N GLN B 189 -1.76 2.48 16.04
CA GLN B 189 -1.90 2.51 14.58
C GLN B 189 -3.35 2.77 14.20
N ILE B 190 -4.30 2.09 14.89
CA ILE B 190 -5.72 2.32 14.64
C ILE B 190 -6.10 3.78 14.92
N ASN B 191 -5.64 4.32 16.06
CA ASN B 191 -5.97 5.69 16.42
C ASN B 191 -5.41 6.65 15.37
N THR B 192 -4.21 6.38 14.85
CA THR B 192 -3.63 7.26 13.83
C THR B 192 -4.47 7.25 12.55
N ILE B 193 -4.87 6.05 12.10
CA ILE B 193 -5.69 5.99 10.90
C ILE B 193 -6.98 6.78 11.13
N GLU B 194 -7.60 6.63 12.31
CA GLU B 194 -8.83 7.35 12.58
C GLU B 194 -8.63 8.85 12.54
N GLU B 195 -7.55 9.33 13.16
N GLU B 195 -7.54 9.35 13.15
CA GLU B 195 -7.29 10.76 13.23
CA GLU B 195 -7.26 10.78 13.22
C GLU B 195 -6.96 11.35 11.85
C GLU B 195 -6.87 11.42 11.90
N LEU B 196 -6.05 10.71 11.11
CA LEU B 196 -5.66 11.24 9.81
C LEU B 196 -6.78 11.13 8.78
N SER B 197 -7.56 10.03 8.84
CA SER B 197 -8.61 9.84 7.84
C SER B 197 -9.92 10.50 8.18
N GLY B 198 -10.17 10.72 9.46
CA GLY B 198 -11.44 11.25 9.95
C GLY B 198 -12.52 10.21 10.11
N TYR B 199 -12.18 8.90 9.90
CA TYR B 199 -13.13 7.81 10.01
C TYR B 199 -12.82 6.96 11.21
N LYS B 200 -13.75 6.88 12.15
N LYS B 200 -13.76 6.89 12.17
CA LYS B 200 -13.61 6.01 13.31
CA LYS B 200 -13.59 6.02 13.32
C LYS B 200 -13.59 4.56 12.80
C LYS B 200 -13.65 4.57 12.85
N CYS B 201 -12.81 3.69 13.42
CA CYS B 201 -12.76 2.29 13.07
C CYS B 201 -14.12 1.64 13.36
N SER B 202 -14.69 0.93 12.37
CA SER B 202 -15.99 0.29 12.58
C SER B 202 -15.92 -0.94 13.47
N ALA B 203 -14.79 -1.67 13.46
CA ALA B 203 -14.64 -2.86 14.28
C ALA B 203 -13.19 -3.26 14.32
N LYS B 204 -12.73 -3.70 15.49
CA LYS B 204 -11.37 -4.17 15.71
C LYS B 204 -11.51 -5.66 15.92
N ILE B 205 -11.04 -6.45 14.96
CA ILE B 205 -11.18 -7.90 14.98
C ILE B 205 -9.85 -8.57 15.21
N SER B 206 -9.75 -9.39 16.26
CA SER B 206 -8.50 -10.09 16.57
C SER B 206 -8.77 -11.60 16.50
N ARG B 207 -7.72 -12.43 16.50
CA ARG B 207 -7.87 -13.89 16.45
C ARG B 207 -8.72 -14.40 17.61
N ASN B 208 -8.58 -13.77 18.80
CA ASN B 208 -9.34 -14.07 20.00
C ASN B 208 -10.79 -13.64 19.78
N ALA B 209 -11.70 -14.64 19.70
CA ALA B 209 -13.14 -14.44 19.51
C ALA B 209 -13.70 -13.55 20.62
N ASP B 210 -14.55 -12.57 20.25
CA ASP B 210 -15.12 -11.63 21.19
C ASP B 210 -16.51 -11.17 20.77
N TYR B 211 -17.42 -10.94 21.73
CA TYR B 211 -18.76 -10.50 21.38
C TYR B 211 -18.85 -9.03 20.96
N LEU B 212 -17.87 -8.19 21.38
CA LEU B 212 -17.76 -6.78 21.00
C LEU B 212 -17.56 -6.72 19.49
N ASP B 213 -16.89 -7.75 18.92
CA ASP B 213 -16.69 -7.92 17.49
C ASP B 213 -18.06 -7.97 16.86
N PHE B 214 -18.96 -8.81 17.42
CA PHE B 214 -20.28 -8.95 16.88
C PHE B 214 -21.12 -7.70 17.12
N ILE B 215 -20.97 -7.02 18.30
CA ILE B 215 -21.71 -5.79 18.55
C ILE B 215 -21.25 -4.74 17.52
N ASP B 216 -19.93 -4.50 17.42
CA ASP B 216 -19.43 -3.52 16.46
C ASP B 216 -19.76 -3.87 15.01
N LEU B 217 -19.59 -5.16 14.60
CA LEU B 217 -19.92 -5.56 13.23
C LEU B 217 -21.40 -5.36 12.93
N SER B 218 -22.28 -5.69 13.89
CA SER B 218 -23.71 -5.51 13.72
C SER B 218 -24.08 -4.05 13.46
N LYS B 219 -23.37 -3.09 14.11
CA LYS B 219 -23.66 -1.66 13.94
C LYS B 219 -23.44 -1.18 12.51
N ILE B 220 -22.52 -1.83 11.76
CA ILE B 220 -22.24 -1.46 10.36
C ILE B 220 -23.49 -1.76 9.51
N LEU B 221 -24.22 -2.81 9.91
CA LEU B 221 -25.36 -3.36 9.21
C LEU B 221 -26.69 -2.71 9.61
N ILE B 222 -26.71 -1.98 10.74
CA ILE B 222 -27.90 -1.28 11.24
C ILE B 222 -28.08 0.04 10.47
C ACT C . -1.85 -6.27 -7.60
O ACT C . -2.52 -5.46 -7.05
OXT ACT C . -0.59 -6.21 -7.76
CH3 ACT C . -2.61 -7.49 -8.05
NA NA D . -3.03 17.57 8.21
NA NA E . 23.91 25.35 4.46
C ACT F . 13.69 3.93 7.90
O ACT F . 13.45 3.50 6.79
OXT ACT F . 14.78 3.68 8.44
CH3 ACT F . 12.72 4.88 8.46
C ACT G . 2.77 3.14 8.23
O ACT G . 1.99 2.38 8.82
OXT ACT G . 2.56 3.72 7.20
CH3 ACT G . 4.11 3.37 8.93
NA NA H . -32.35 -10.63 -10.76
NA NA I . -15.23 12.61 -2.70
NA NA J . -8.94 2.43 -17.95
#